data_4KYK
#
_entry.id   4KYK
#
_cell.length_a   41.865
_cell.length_b   65.396
_cell.length_c   64.912
_cell.angle_alpha   90.00
_cell.angle_beta   101.39
_cell.angle_gamma   90.00
#
_symmetry.space_group_name_H-M   'P 1 21 1'
#
loop_
_entity.id
_entity.type
_entity.pdbx_description
1 polymer 'Lactoylglutathione lyase'
2 non-polymer 'ZINC ION'
3 non-polymer INDOMETHACIN
4 water water
#
_entity_poly.entity_id   1
_entity_poly.type   'polypeptide(L)'
_entity_poly.pdbx_seq_one_letter_code
;MAEPQPASSGLTDETAFSCCSDPDPSTKDFLLQQTMLRIKDPKKSLDFYTRVLGLTLLQKLDFPAMKFSLYFLAYEDKND
IPKDKSEKTAWTFSRKATLELTHNWGTEDDETQSYHNGNSDPRGFGHIGIAVPDVYSACKRFEELGVKFVKKPDDGKMKG
LAFIQDPDGYWIEILNPNKIATII
;
_entity_poly.pdbx_strand_id   A,B
#
loop_
_chem_comp.id
_chem_comp.type
_chem_comp.name
_chem_comp.formula
IMN non-polymer INDOMETHACIN 'C19 H16 Cl N O4'
ZN non-polymer 'ZINC ION' 'Zn 2'
#
# COMPACT_ATOMS: atom_id res chain seq x y z
N PRO A 6 4.59 15.28 30.34
CA PRO A 6 3.82 15.91 29.27
C PRO A 6 3.10 14.89 28.38
N ALA A 7 1.77 14.86 28.48
CA ALA A 7 0.94 14.00 27.63
C ALA A 7 1.15 14.31 26.15
N SER A 8 1.32 13.27 25.34
CA SER A 8 1.61 13.44 23.91
C SER A 8 0.54 14.26 23.17
N SER A 9 0.99 15.30 22.48
CA SER A 9 0.12 16.11 21.65
C SER A 9 0.66 16.00 20.24
N GLY A 10 1.30 14.87 19.98
CA GLY A 10 1.90 14.59 18.69
C GLY A 10 3.04 15.55 18.41
N LEU A 11 3.56 15.51 17.19
CA LEU A 11 4.64 16.38 16.83
C LEU A 11 4.11 17.70 16.28
N THR A 12 4.82 18.78 16.57
CA THR A 12 4.61 20.02 15.84
C THR A 12 5.00 19.73 14.39
N ASP A 13 4.60 20.59 13.47
CA ASP A 13 5.11 20.50 12.10
C ASP A 13 6.64 20.62 12.14
N GLU A 14 7.14 21.39 13.10
CA GLU A 14 8.58 21.69 13.23
C GLU A 14 9.41 20.45 13.52
N THR A 15 9.06 19.76 14.60
CA THR A 15 9.71 18.50 14.95
C THR A 15 9.61 17.47 13.82
N ALA A 16 8.40 17.33 13.27
CA ALA A 16 8.13 16.37 12.19
C ALA A 16 9.09 16.60 11.04
N PHE A 17 9.12 17.82 10.51
CA PHE A 17 10.01 18.11 9.40
C PHE A 17 11.50 18.09 9.79
N SER A 18 11.79 18.38 11.05
CA SER A 18 13.17 18.27 11.53
C SER A 18 13.65 16.83 11.45
N CYS A 19 12.72 15.87 11.48
CA CYS A 19 13.07 14.45 11.41
C CYS A 19 13.28 13.98 9.97
N CYS A 20 13.05 14.89 9.02
CA CYS A 20 13.03 14.53 7.61
C CYS A 20 14.31 14.94 6.86
N SER A 21 14.97 13.94 6.27
CA SER A 21 16.21 14.11 5.51
C SER A 21 15.95 14.11 4.01
N ASP A 22 16.69 14.93 3.27
CA ASP A 22 16.64 14.88 1.82
C ASP A 22 17.17 13.52 1.38
N PRO A 23 16.62 12.96 0.30
CA PRO A 23 17.00 11.60 -0.09
C PRO A 23 18.47 11.49 -0.44
N ASP A 24 19.10 10.39 -0.03
CA ASP A 24 20.48 10.19 -0.39
C ASP A 24 20.52 9.83 -1.85
N PRO A 25 21.54 10.29 -2.58
CA PRO A 25 21.55 10.04 -4.03
C PRO A 25 21.41 8.57 -4.40
N SER A 26 21.78 7.67 -3.51
CA SER A 26 21.63 6.23 -3.79
C SER A 26 20.17 5.80 -3.91
N THR A 27 19.27 6.60 -3.34
CA THR A 27 17.85 6.28 -3.29
C THR A 27 17.07 6.99 -4.40
N LYS A 28 17.79 7.62 -5.34
CA LYS A 28 17.14 8.51 -6.29
C LYS A 28 16.22 7.81 -7.31
N ASP A 29 16.41 6.52 -7.55
CA ASP A 29 15.54 5.84 -8.50
C ASP A 29 14.58 4.85 -7.84
N PHE A 30 14.58 4.81 -6.51
CA PHE A 30 13.65 3.95 -5.78
C PHE A 30 12.21 4.34 -6.10
N LEU A 31 11.33 3.34 -6.18
CA LEU A 31 9.90 3.62 -6.33
C LEU A 31 9.08 2.70 -5.44
N LEU A 32 7.93 3.22 -5.03
CA LEU A 32 7.04 2.51 -4.13
C LEU A 32 6.17 1.66 -5.02
N GLN A 33 6.55 0.39 -5.16
CA GLN A 33 6.10 -0.45 -6.25
C GLN A 33 4.84 -1.26 -5.95
N GLN A 34 4.68 -1.67 -4.70
CA GLN A 34 3.57 -2.57 -4.38
C GLN A 34 3.12 -2.55 -2.94
N THR A 35 1.87 -2.92 -2.73
CA THR A 35 1.31 -3.20 -1.40
C THR A 35 0.77 -4.61 -1.49
N MET A 36 1.23 -5.49 -0.62
CA MET A 36 0.75 -6.87 -0.67
C MET A 36 -0.31 -7.16 0.36
N LEU A 37 -1.37 -7.81 -0.08
CA LEU A 37 -2.46 -8.24 0.79
C LEU A 37 -2.76 -9.67 0.45
N ARG A 38 -2.96 -10.46 1.48
CA ARG A 38 -3.29 -11.87 1.28
C ARG A 38 -4.78 -11.98 0.99
N ILE A 39 -5.14 -12.79 -0.01
CA ILE A 39 -6.57 -12.97 -0.38
C ILE A 39 -7.04 -14.41 -0.34
N LYS A 40 -8.23 -14.63 0.20
CA LYS A 40 -8.80 -15.97 0.35
C LYS A 40 -9.22 -16.60 -0.97
N ASP A 41 -9.71 -15.77 -1.90
CA ASP A 41 -10.35 -16.31 -3.08
C ASP A 41 -10.23 -15.32 -4.23
N PRO A 42 -9.28 -15.56 -5.15
CA PRO A 42 -9.01 -14.66 -6.27
C PRO A 42 -10.21 -14.51 -7.20
N LYS A 43 -11.11 -15.51 -7.26
CA LYS A 43 -12.29 -15.37 -8.11
C LYS A 43 -13.07 -14.14 -7.68
N LYS A 44 -13.27 -13.98 -6.38
CA LYS A 44 -13.95 -12.81 -5.85
C LYS A 44 -13.12 -11.53 -5.93
N SER A 45 -11.85 -11.63 -5.56
CA SER A 45 -10.98 -10.48 -5.48
C SER A 45 -10.73 -9.90 -6.87
N LEU A 46 -10.42 -10.76 -7.83
CA LEU A 46 -10.24 -10.30 -9.21
C LEU A 46 -11.48 -9.58 -9.77
N ASP A 47 -12.65 -10.14 -9.54
CA ASP A 47 -13.90 -9.52 -9.95
C ASP A 47 -14.05 -8.12 -9.34
N PHE A 48 -13.90 -8.04 -8.02
CA PHE A 48 -14.08 -6.79 -7.30
C PHE A 48 -13.11 -5.74 -7.82
N TYR A 49 -11.83 -6.07 -7.83
CA TYR A 49 -10.85 -5.05 -8.18
C TYR A 49 -10.91 -4.59 -9.65
N THR A 50 -11.14 -5.51 -10.58
CA THR A 50 -11.29 -5.10 -11.99
C THR A 50 -12.66 -4.50 -12.30
N ARG A 51 -13.75 -5.19 -11.93
CA ARG A 51 -15.12 -4.79 -12.31
C ARG A 51 -15.68 -3.65 -11.47
N VAL A 52 -15.39 -3.68 -10.17
CA VAL A 52 -15.88 -2.60 -9.31
C VAL A 52 -14.95 -1.39 -9.31
N LEU A 53 -13.66 -1.61 -9.11
CA LEU A 53 -12.71 -0.49 -9.02
C LEU A 53 -11.98 -0.11 -10.29
N GLY A 54 -12.01 -0.96 -11.30
CA GLY A 54 -11.45 -0.59 -12.58
C GLY A 54 -9.94 -0.77 -12.69
N LEU A 55 -9.36 -1.65 -11.88
CA LEU A 55 -7.93 -1.92 -12.02
C LEU A 55 -7.78 -2.93 -13.13
N THR A 56 -6.55 -3.13 -13.56
CA THR A 56 -6.25 -4.15 -14.55
C THR A 56 -5.30 -5.19 -13.97
N LEU A 57 -5.57 -6.46 -14.24
CA LEU A 57 -4.67 -7.53 -13.81
C LEU A 57 -3.47 -7.50 -14.71
N LEU A 58 -2.33 -7.15 -14.15
CA LEU A 58 -1.12 -7.00 -14.97
C LEU A 58 -0.55 -8.38 -15.25
N GLN A 59 -0.52 -9.22 -14.21
CA GLN A 59 0.18 -10.49 -14.31
C GLN A 59 -0.26 -11.46 -13.21
N LYS A 60 -0.30 -12.75 -13.57
CA LYS A 60 -0.57 -13.83 -12.63
C LYS A 60 0.72 -14.64 -12.59
N LEU A 61 1.31 -14.82 -11.41
CA LEU A 61 2.51 -15.64 -11.28
C LEU A 61 2.19 -16.81 -10.38
N ASP A 62 2.53 -18.00 -10.82
CA ASP A 62 2.27 -19.19 -10.02
C ASP A 62 3.58 -19.77 -9.51
N PHE A 63 3.56 -20.24 -8.27
CA PHE A 63 4.73 -20.76 -7.58
C PHE A 63 4.42 -22.13 -7.00
N PRO A 64 4.37 -23.17 -7.86
CA PRO A 64 4.03 -24.54 -7.45
C PRO A 64 4.82 -25.05 -6.25
N ALA A 65 6.10 -24.72 -6.18
CA ALA A 65 6.95 -25.27 -5.11
C ALA A 65 6.44 -24.83 -3.73
N MET A 66 5.86 -23.64 -3.68
CA MET A 66 5.39 -23.06 -2.43
C MET A 66 3.86 -22.94 -2.37
N LYS A 67 3.16 -23.44 -3.39
CA LYS A 67 1.70 -23.48 -3.41
C LYS A 67 1.07 -22.12 -3.14
N PHE A 68 1.53 -21.09 -3.85
CA PHE A 68 0.80 -19.84 -3.88
C PHE A 68 0.83 -19.19 -5.27
N SER A 69 -0.06 -18.22 -5.47
CA SER A 69 -0.02 -17.38 -6.67
C SER A 69 -0.01 -15.90 -6.29
N LEU A 70 0.62 -15.10 -7.14
CA LEU A 70 0.64 -13.65 -6.98
C LEU A 70 -0.18 -13.02 -8.10
N TYR A 71 -1.08 -12.13 -7.74
CA TYR A 71 -1.87 -11.42 -8.73
C TYR A 71 -1.56 -9.94 -8.60
N PHE A 72 -1.05 -9.33 -9.67
CA PHE A 72 -0.65 -7.93 -9.63
C PHE A 72 -1.69 -7.14 -10.37
N LEU A 73 -2.26 -6.16 -9.68
CA LEU A 73 -3.30 -5.33 -10.25
C LEU A 73 -2.84 -3.90 -10.12
N ALA A 74 -3.25 -3.06 -11.07
CA ALA A 74 -2.86 -1.66 -11.05
C ALA A 74 -3.72 -0.92 -12.05
N TYR A 75 -3.76 0.40 -11.95
CA TYR A 75 -4.43 1.20 -12.95
C TYR A 75 -3.50 1.44 -14.14
N GLU A 76 -3.54 0.52 -15.10
CA GLU A 76 -2.71 0.58 -16.28
C GLU A 76 -3.58 0.17 -17.46
N ASP A 77 -3.20 0.61 -18.66
CA ASP A 77 -3.89 0.13 -19.85
C ASP A 77 -3.41 -1.28 -20.21
N LYS A 78 -4.31 -2.24 -20.30
CA LYS A 78 -3.93 -3.60 -20.68
C LYS A 78 -3.11 -3.67 -21.98
N ASN A 79 -3.34 -2.73 -22.90
CA ASN A 79 -2.58 -2.73 -24.15
C ASN A 79 -1.10 -2.46 -23.94
N ASP A 80 -0.75 -1.91 -22.80
CA ASP A 80 0.63 -1.58 -22.48
C ASP A 80 1.40 -2.78 -21.94
N ILE A 81 0.69 -3.82 -21.53
CA ILE A 81 1.35 -4.99 -20.93
C ILE A 81 2.07 -5.79 -22.02
N PRO A 82 3.38 -6.01 -21.86
CA PRO A 82 4.04 -6.95 -22.77
C PRO A 82 3.47 -8.35 -22.65
N LYS A 83 3.23 -9.00 -23.79
CA LYS A 83 2.66 -10.35 -23.83
C LYS A 83 3.70 -11.38 -23.37
N ASP A 84 4.94 -11.15 -23.75
CA ASP A 84 6.03 -12.05 -23.43
C ASP A 84 6.20 -12.18 -21.92
N LYS A 85 6.26 -13.41 -21.44
CA LYS A 85 6.36 -13.68 -20.00
C LYS A 85 7.51 -12.93 -19.32
N SER A 86 8.70 -13.05 -19.87
CA SER A 86 9.88 -12.38 -19.31
C SER A 86 9.76 -10.85 -19.34
N GLU A 87 9.20 -10.32 -20.42
CA GLU A 87 9.06 -8.87 -20.56
C GLU A 87 7.90 -8.38 -19.70
N LYS A 88 6.85 -9.19 -19.63
CA LYS A 88 5.70 -8.91 -18.78
C LYS A 88 6.18 -8.71 -17.36
N THR A 89 7.07 -9.59 -16.92
CA THR A 89 7.57 -9.59 -15.54
C THR A 89 8.33 -8.31 -15.20
N ALA A 90 9.27 -7.94 -16.05
CA ALA A 90 10.06 -6.73 -15.82
C ALA A 90 9.21 -5.46 -15.86
N TRP A 91 8.19 -5.47 -16.72
CA TRP A 91 7.25 -4.36 -16.80
C TRP A 91 6.35 -4.25 -15.54
N THR A 92 5.68 -5.34 -15.18
CA THR A 92 4.83 -5.39 -13.99
C THR A 92 5.56 -4.91 -12.74
N PHE A 93 6.75 -5.45 -12.47
CA PHE A 93 7.50 -5.13 -11.25
C PHE A 93 8.12 -3.73 -11.29
N SER A 94 7.95 -3.02 -12.39
CA SER A 94 8.48 -1.67 -12.45
C SER A 94 7.36 -0.65 -12.51
N ARG A 95 6.11 -1.07 -12.41
CA ARG A 95 5.02 -0.11 -12.34
C ARG A 95 4.97 0.49 -10.94
N LYS A 96 4.50 1.73 -10.84
CA LYS A 96 4.25 2.39 -9.58
C LYS A 96 2.84 2.02 -9.09
N ALA A 97 2.68 1.94 -7.77
CA ALA A 97 1.36 1.77 -7.18
C ALA A 97 0.63 0.53 -7.67
N THR A 98 1.20 -0.65 -7.44
CA THR A 98 0.46 -1.87 -7.74
C THR A 98 -0.02 -2.53 -6.46
N LEU A 99 -1.04 -3.38 -6.62
CA LEU A 99 -1.49 -4.27 -5.58
C LEU A 99 -0.99 -5.66 -5.89
N GLU A 100 -0.33 -6.27 -4.93
CA GLU A 100 0.06 -7.65 -5.05
C GLU A 100 -0.86 -8.49 -4.17
N LEU A 101 -1.74 -9.24 -4.79
CA LEU A 101 -2.66 -10.05 -4.04
C LEU A 101 -2.09 -11.45 -4.02
N THR A 102 -1.82 -11.94 -2.81
CA THR A 102 -1.23 -13.25 -2.60
C THR A 102 -2.28 -14.29 -2.27
N HIS A 103 -2.34 -15.33 -3.09
CA HIS A 103 -3.26 -16.43 -2.90
C HIS A 103 -2.52 -17.70 -2.50
N ASN A 104 -2.64 -18.11 -1.23
CA ASN A 104 -2.16 -19.42 -0.81
C ASN A 104 -3.21 -20.44 -1.20
N TRP A 105 -2.80 -21.40 -2.04
CA TRP A 105 -3.74 -22.32 -2.66
C TRP A 105 -4.62 -23.02 -1.65
N GLY A 106 -5.88 -23.27 -1.99
CA GLY A 106 -6.75 -23.97 -1.07
C GLY A 106 -7.62 -23.10 -0.17
N THR A 107 -7.18 -21.90 0.18
CA THR A 107 -7.92 -21.13 1.19
C THR A 107 -9.38 -20.92 0.82
N GLU A 108 -9.69 -20.83 -0.48
CA GLU A 108 -11.07 -20.55 -0.90
C GLU A 108 -12.04 -21.67 -0.54
N ASP A 109 -11.51 -22.86 -0.29
CA ASP A 109 -12.34 -24.04 -0.03
C ASP A 109 -12.37 -24.38 1.45
N ASP A 110 -11.57 -23.66 2.23
CA ASP A 110 -11.46 -23.90 3.68
C ASP A 110 -12.39 -22.96 4.44
N GLU A 111 -13.55 -23.48 4.83
CA GLU A 111 -14.56 -22.75 5.57
C GLU A 111 -14.07 -22.12 6.88
N THR A 112 -12.97 -22.62 7.42
CA THR A 112 -12.48 -22.13 8.71
C THR A 112 -11.51 -20.95 8.57
N GLN A 113 -11.20 -20.57 7.33
CA GLN A 113 -10.13 -19.64 7.10
C GLN A 113 -10.64 -18.25 6.72
N SER A 114 -9.99 -17.22 7.24
CA SER A 114 -10.20 -15.86 6.78
C SER A 114 -8.99 -15.00 7.15
N TYR A 115 -8.78 -13.90 6.42
CA TYR A 115 -7.64 -13.04 6.72
C TYR A 115 -8.11 -11.89 7.57
N HIS A 116 -7.20 -11.23 8.27
CA HIS A 116 -7.55 -10.19 9.23
C HIS A 116 -7.26 -8.83 8.62
N ASN A 117 -8.17 -7.87 8.77
CA ASN A 117 -8.00 -6.64 7.98
C ASN A 117 -7.20 -5.53 8.65
N GLY A 118 -6.73 -5.78 9.87
CA GLY A 118 -5.86 -4.83 10.56
C GLY A 118 -6.58 -3.73 11.35
N ASN A 119 -7.91 -3.71 11.29
CA ASN A 119 -8.65 -2.63 11.95
C ASN A 119 -9.35 -2.97 13.25
N SER A 120 -9.20 -4.20 13.72
CA SER A 120 -9.57 -4.54 15.08
C SER A 120 -8.39 -5.29 15.70
N ASP A 121 -8.43 -5.51 17.01
CA ASP A 121 -7.37 -6.19 17.75
C ASP A 121 -6.98 -7.51 17.08
N PRO A 122 -5.69 -7.67 16.70
CA PRO A 122 -4.58 -6.72 16.84
C PRO A 122 -4.45 -5.78 15.62
N ARG A 123 -4.40 -4.48 15.88
CA ARG A 123 -4.38 -3.49 14.80
C ARG A 123 -2.99 -3.27 14.20
N GLY A 124 -2.97 -2.75 12.98
CA GLY A 124 -1.70 -2.43 12.34
C GLY A 124 -1.98 -1.72 11.03
N PHE A 125 -1.86 -2.45 9.92
CA PHE A 125 -2.34 -1.99 8.62
C PHE A 125 -3.78 -1.47 8.73
N GLY A 126 -4.07 -0.36 8.07
CA GLY A 126 -5.40 0.22 8.13
C GLY A 126 -6.21 0.07 6.86
N HIS A 127 -5.64 0.45 5.72
CA HIS A 127 -6.33 0.36 4.43
C HIS A 127 -5.44 0.79 3.27
N ILE A 128 -5.91 0.53 2.05
CA ILE A 128 -5.35 1.20 0.88
C ILE A 128 -6.38 2.26 0.52
N GLY A 129 -6.06 3.17 -0.39
CA GLY A 129 -6.97 4.26 -0.72
C GLY A 129 -6.96 4.71 -2.18
N ILE A 130 -8.12 5.02 -2.71
CA ILE A 130 -8.23 5.36 -4.13
C ILE A 130 -8.79 6.76 -4.35
N ALA A 131 -8.09 7.60 -5.12
CA ALA A 131 -8.58 8.93 -5.48
C ALA A 131 -9.54 8.84 -6.66
N VAL A 132 -10.69 9.49 -6.52
CA VAL A 132 -11.73 9.46 -7.53
C VAL A 132 -12.18 10.89 -7.80
N PRO A 133 -12.67 11.14 -9.02
CA PRO A 133 -13.07 12.51 -9.33
C PRO A 133 -14.35 12.90 -8.59
N ASP A 134 -15.12 11.91 -8.16
CA ASP A 134 -16.38 12.23 -7.50
C ASP A 134 -16.84 11.07 -6.61
N VAL A 135 -16.71 11.29 -5.30
CA VAL A 135 -17.00 10.28 -4.29
C VAL A 135 -18.47 9.88 -4.24
N TYR A 136 -19.37 10.86 -4.31
CA TYR A 136 -20.81 10.57 -4.29
C TYR A 136 -21.27 9.67 -5.44
N SER A 137 -20.86 10.00 -6.66
CA SER A 137 -21.24 9.17 -7.81
C SER A 137 -20.54 7.79 -7.77
N ALA A 138 -19.26 7.77 -7.41
CA ALA A 138 -18.57 6.50 -7.28
C ALA A 138 -19.33 5.62 -6.28
N CYS A 139 -19.70 6.15 -5.12
CA CYS A 139 -20.40 5.35 -4.10
C CYS A 139 -21.83 4.93 -4.47
N LYS A 140 -22.53 5.78 -5.22
CA LYS A 140 -23.83 5.39 -5.70
C LYS A 140 -23.67 4.19 -6.63
N ARG A 141 -22.63 4.23 -7.46
CA ARG A 141 -22.33 3.11 -8.33
C ARG A 141 -21.97 1.86 -7.52
N PHE A 142 -21.05 2.02 -6.57
CA PHE A 142 -20.71 0.96 -5.63
C PHE A 142 -21.98 0.35 -4.96
N GLU A 143 -22.93 1.20 -4.56
CA GLU A 143 -24.17 0.72 -3.96
C GLU A 143 -24.97 -0.15 -4.94
N GLU A 144 -25.11 0.33 -6.16
CA GLU A 144 -25.83 -0.43 -7.18
C GLU A 144 -25.15 -1.76 -7.51
N LEU A 145 -23.87 -1.85 -7.17
CA LEU A 145 -23.12 -3.06 -7.43
C LEU A 145 -23.01 -3.97 -6.21
N GLY A 146 -23.64 -3.59 -5.10
CA GLY A 146 -23.68 -4.43 -3.90
C GLY A 146 -22.45 -4.41 -3.00
N VAL A 147 -21.61 -3.40 -3.19
CA VAL A 147 -20.38 -3.22 -2.41
C VAL A 147 -20.67 -2.98 -0.91
N LYS A 148 -19.95 -3.66 -0.03
CA LYS A 148 -20.15 -3.45 1.39
C LYS A 148 -19.44 -2.20 1.87
N PHE A 149 -20.17 -1.38 2.61
CA PHE A 149 -19.66 -0.11 3.08
C PHE A 149 -19.23 -0.18 4.52
N VAL A 150 -18.10 0.45 4.82
CA VAL A 150 -17.67 0.69 6.18
C VAL A 150 -18.16 2.07 6.61
N LYS A 151 -18.09 3.02 5.68
CA LYS A 151 -18.57 4.37 5.92
C LYS A 151 -19.08 4.93 4.63
N LYS A 152 -20.38 5.21 4.55
CA LYS A 152 -21.00 5.91 3.42
C LYS A 152 -20.51 7.36 3.39
N PRO A 153 -20.55 8.00 2.23
CA PRO A 153 -19.89 9.30 2.06
C PRO A 153 -20.43 10.39 3.00
N ASP A 154 -21.71 10.36 3.33
CA ASP A 154 -22.23 11.38 4.22
C ASP A 154 -22.59 10.92 5.63
N ASP A 155 -22.18 9.71 5.98
CA ASP A 155 -22.31 9.26 7.37
C ASP A 155 -21.04 9.65 8.14
N GLY A 156 -21.18 9.89 9.44
CA GLY A 156 -20.08 10.36 10.27
C GLY A 156 -19.89 11.86 10.09
N LYS A 157 -18.81 12.42 10.61
CA LYS A 157 -18.57 13.87 10.49
C LYS A 157 -17.63 14.28 9.34
N MET A 158 -16.86 13.31 8.82
CA MET A 158 -16.11 13.55 7.59
C MET A 158 -17.06 13.34 6.42
N LYS A 159 -17.72 14.39 5.96
CA LYS A 159 -18.63 14.26 4.84
C LYS A 159 -17.83 14.30 3.55
N GLY A 160 -18.23 13.47 2.58
CA GLY A 160 -17.55 13.47 1.29
C GLY A 160 -16.37 12.51 1.27
N LEU A 161 -16.32 11.63 2.27
CA LEU A 161 -15.27 10.62 2.36
C LEU A 161 -15.87 9.25 2.71
N ALA A 162 -15.49 8.21 1.98
CA ALA A 162 -16.03 6.87 2.24
C ALA A 162 -14.96 5.80 2.45
N PHE A 163 -15.38 4.70 3.06
CA PHE A 163 -14.59 3.51 3.16
C PHE A 163 -15.45 2.38 2.69
N ILE A 164 -14.94 1.59 1.75
CA ILE A 164 -15.63 0.36 1.37
C ILE A 164 -14.76 -0.81 1.79
N GLN A 165 -15.23 -2.03 1.55
CA GLN A 165 -14.49 -3.27 1.85
C GLN A 165 -14.39 -4.17 0.63
N ASP A 166 -13.25 -4.86 0.51
CA ASP A 166 -13.07 -5.78 -0.60
C ASP A 166 -13.60 -7.13 -0.13
N PRO A 167 -13.56 -8.17 -0.99
CA PRO A 167 -14.10 -9.46 -0.51
C PRO A 167 -13.43 -10.06 0.72
N ASP A 168 -12.22 -9.67 1.06
CA ASP A 168 -11.59 -10.18 2.28
C ASP A 168 -11.87 -9.26 3.47
N GLY A 169 -12.59 -8.18 3.23
CA GLY A 169 -12.86 -7.21 4.28
C GLY A 169 -11.80 -6.16 4.48
N TYR A 170 -10.76 -6.13 3.62
CA TYR A 170 -9.81 -5.03 3.65
C TYR A 170 -10.53 -3.71 3.39
N TRP A 171 -10.18 -2.69 4.17
CA TRP A 171 -10.77 -1.38 3.95
C TRP A 171 -10.11 -0.61 2.81
N ILE A 172 -10.93 0.16 2.11
CA ILE A 172 -10.46 0.93 0.97
C ILE A 172 -11.08 2.31 1.09
N GLU A 173 -10.25 3.32 1.27
CA GLU A 173 -10.73 4.70 1.40
C GLU A 173 -11.07 5.24 0.02
N ILE A 174 -12.19 5.94 -0.09
CA ILE A 174 -12.62 6.51 -1.36
C ILE A 174 -12.64 8.02 -1.17
N LEU A 175 -11.76 8.74 -1.87
CA LEU A 175 -11.62 10.17 -1.62
C LEU A 175 -11.51 11.01 -2.89
N ASN A 176 -11.89 12.29 -2.76
CA ASN A 176 -11.70 13.26 -3.83
C ASN A 176 -10.59 14.22 -3.36
N PRO A 177 -9.43 14.16 -4.02
CA PRO A 177 -8.25 14.86 -3.51
C PRO A 177 -8.44 16.37 -3.52
N ASN A 178 -9.33 16.84 -4.39
CA ASN A 178 -9.61 18.26 -4.54
C ASN A 178 -10.68 18.75 -3.56
N LYS A 179 -11.11 17.90 -2.63
CA LYS A 179 -12.11 18.31 -1.65
C LYS A 179 -11.75 17.95 -0.20
N ILE A 180 -10.62 17.28 -0.03
CA ILE A 180 -10.12 16.91 1.30
C ILE A 180 -9.87 18.09 2.26
N ALA A 181 -9.22 19.14 1.75
CA ALA A 181 -8.85 20.30 2.55
C ALA A 181 -10.07 20.93 3.24
N THR A 182 -11.20 20.87 2.55
CA THR A 182 -12.46 21.41 3.04
C THR A 182 -12.98 20.68 4.28
N ILE A 183 -12.56 19.43 4.46
CA ILE A 183 -12.99 18.68 5.63
C ILE A 183 -11.83 18.42 6.57
N ILE A 184 -10.69 19.05 6.26
CA ILE A 184 -9.46 18.98 7.06
C ILE A 184 -8.81 17.61 7.07
N SER B 8 -3.52 -27.25 -2.40
CA SER B 8 -4.51 -27.50 -3.45
C SER B 8 -3.87 -27.50 -4.84
N SER B 9 -4.43 -26.71 -5.75
CA SER B 9 -3.82 -26.51 -7.06
C SER B 9 -3.84 -25.03 -7.51
N GLY B 10 -4.78 -24.24 -7.03
CA GLY B 10 -4.82 -22.83 -7.45
C GLY B 10 -5.46 -22.66 -8.82
N LEU B 11 -5.64 -21.41 -9.24
CA LEU B 11 -6.44 -21.11 -10.43
C LEU B 11 -5.66 -21.34 -11.70
N THR B 12 -6.32 -21.85 -12.71
CA THR B 12 -5.73 -21.88 -14.04
C THR B 12 -5.81 -20.47 -14.57
N ASP B 13 -5.03 -20.19 -15.61
CA ASP B 13 -5.12 -18.89 -16.25
C ASP B 13 -6.55 -18.63 -16.73
N GLU B 14 -7.20 -19.64 -17.33
CA GLU B 14 -8.58 -19.46 -17.81
C GLU B 14 -9.52 -18.97 -16.71
N THR B 15 -9.50 -19.63 -15.56
CA THR B 15 -10.39 -19.21 -14.49
C THR B 15 -10.08 -17.81 -14.02
N ALA B 16 -8.80 -17.54 -13.77
CA ALA B 16 -8.42 -16.23 -13.28
C ALA B 16 -8.77 -15.13 -14.28
N PHE B 17 -8.38 -15.32 -15.54
CA PHE B 17 -8.67 -14.32 -16.55
C PHE B 17 -10.19 -14.09 -16.74
N SER B 18 -10.99 -15.14 -16.62
CA SER B 18 -12.42 -14.99 -16.86
C SER B 18 -13.10 -14.17 -15.77
N CYS B 19 -12.41 -13.98 -14.65
CA CYS B 19 -12.97 -13.24 -13.52
C CYS B 19 -12.64 -11.76 -13.60
N CYS B 20 -11.87 -11.37 -14.60
CA CYS B 20 -11.49 -9.97 -14.78
C CYS B 20 -12.40 -9.25 -15.78
N SER B 21 -12.97 -8.11 -15.40
CA SER B 21 -13.75 -7.30 -16.36
C SER B 21 -12.92 -6.13 -16.85
N ASP B 22 -13.20 -5.61 -18.04
CA ASP B 22 -12.53 -4.40 -18.47
C ASP B 22 -13.04 -3.27 -17.60
N PRO B 23 -12.22 -2.21 -17.40
CA PRO B 23 -12.63 -1.10 -16.53
C PRO B 23 -13.89 -0.42 -17.04
N ASP B 24 -14.82 -0.12 -16.14
CA ASP B 24 -15.98 0.64 -16.54
C ASP B 24 -15.51 2.07 -16.76
N PRO B 25 -16.04 2.74 -17.78
CA PRO B 25 -15.55 4.09 -18.08
C PRO B 25 -15.67 5.05 -16.89
N SER B 26 -16.62 4.81 -15.99
CA SER B 26 -16.78 5.67 -14.82
C SER B 26 -15.63 5.58 -13.81
N THR B 27 -14.74 4.61 -13.96
CA THR B 27 -13.59 4.47 -13.07
C THR B 27 -12.37 5.10 -13.73
N LYS B 28 -12.63 5.93 -14.74
CA LYS B 28 -11.62 6.44 -15.66
C LYS B 28 -10.30 6.94 -15.05
N ASP B 29 -10.36 7.98 -14.25
CA ASP B 29 -9.13 8.48 -13.67
C ASP B 29 -9.01 8.14 -12.18
N PHE B 30 -9.59 7.01 -11.79
CA PHE B 30 -9.33 6.44 -10.46
C PHE B 30 -7.83 6.17 -10.36
N LEU B 31 -7.25 6.42 -9.19
CA LEU B 31 -5.86 6.07 -8.99
C LEU B 31 -5.58 5.49 -7.61
N LEU B 32 -4.66 4.53 -7.53
CA LEU B 32 -4.30 3.91 -6.26
C LEU B 32 -3.39 4.88 -5.51
N GLN B 33 -3.97 5.57 -4.54
CA GLN B 33 -3.35 6.76 -3.96
C GLN B 33 -2.52 6.56 -2.70
N GLN B 34 -2.89 5.63 -1.83
CA GLN B 34 -2.25 5.51 -0.51
C GLN B 34 -2.37 4.12 0.08
N THR B 35 -1.39 3.73 0.89
CA THR B 35 -1.50 2.57 1.75
C THR B 35 -1.31 3.18 3.13
N MET B 36 -2.19 2.86 4.07
CA MET B 36 -2.10 3.41 5.44
C MET B 36 -1.59 2.41 6.47
N LEU B 37 -0.61 2.82 7.27
CA LEU B 37 -0.08 1.98 8.34
C LEU B 37 -0.11 2.79 9.63
N ARG B 38 -0.51 2.17 10.72
CA ARG B 38 -0.43 2.79 12.04
C ARG B 38 0.99 2.64 12.59
N ILE B 39 1.53 3.75 13.12
CA ILE B 39 2.90 3.78 13.61
C ILE B 39 2.97 4.23 15.06
N LYS B 40 3.81 3.54 15.83
CA LYS B 40 3.95 3.78 17.25
C LYS B 40 4.71 5.08 17.52
N ASP B 41 5.70 5.39 16.68
CA ASP B 41 6.59 6.54 16.92
C ASP B 41 6.96 7.26 15.63
N PRO B 42 6.40 8.46 15.42
CA PRO B 42 6.60 9.19 14.17
C PRO B 42 8.02 9.74 14.00
N LYS B 43 8.75 9.96 15.09
CA LYS B 43 10.11 10.45 14.96
C LYS B 43 10.97 9.37 14.30
N LYS B 44 10.79 8.14 14.75
CA LYS B 44 11.51 6.99 14.21
C LYS B 44 11.07 6.64 12.80
N SER B 45 9.76 6.62 12.59
CA SER B 45 9.20 6.36 11.27
C SER B 45 9.66 7.37 10.20
N LEU B 46 9.54 8.66 10.47
CA LEU B 46 9.90 9.70 9.50
C LEU B 46 11.39 9.68 9.15
N ASP B 47 12.22 9.43 10.17
CA ASP B 47 13.65 9.26 9.95
C ASP B 47 13.92 8.07 9.02
N PHE B 48 13.26 6.95 9.31
CA PHE B 48 13.36 5.75 8.49
C PHE B 48 12.98 6.00 7.05
N TYR B 49 11.72 6.36 6.81
CA TYR B 49 11.23 6.54 5.45
C TYR B 49 11.95 7.62 4.63
N THR B 50 12.43 8.69 5.28
CA THR B 50 13.13 9.73 4.54
C THR B 50 14.63 9.46 4.41
N ARG B 51 15.32 9.38 5.54
CA ARG B 51 16.77 9.17 5.52
C ARG B 51 17.17 7.78 5.02
N VAL B 52 16.50 6.75 5.50
CA VAL B 52 16.86 5.41 5.06
C VAL B 52 16.30 5.10 3.68
N LEU B 53 15.01 5.33 3.48
CA LEU B 53 14.37 4.91 2.25
C LEU B 53 14.33 5.94 1.15
N GLY B 54 14.40 7.23 1.49
CA GLY B 54 14.50 8.26 0.49
C GLY B 54 13.16 8.80 0.01
N LEU B 55 12.11 8.57 0.80
CA LEU B 55 10.83 9.20 0.52
C LEU B 55 10.86 10.63 1.03
N THR B 56 9.85 11.41 0.66
CA THR B 56 9.74 12.80 1.09
C THR B 56 8.43 12.97 1.83
N LEU B 57 8.45 13.64 2.98
CA LEU B 57 7.21 13.94 3.70
C LEU B 57 6.47 15.07 2.99
N LEU B 58 5.31 14.73 2.40
CA LEU B 58 4.55 15.67 1.60
C LEU B 58 3.74 16.61 2.47
N GLN B 59 3.13 16.05 3.50
CA GLN B 59 2.21 16.82 4.32
C GLN B 59 1.94 16.10 5.63
N LYS B 60 1.65 16.88 6.66
CA LYS B 60 1.27 16.33 7.95
C LYS B 60 -0.08 16.91 8.36
N LEU B 61 -1.00 16.06 8.83
CA LEU B 61 -2.32 16.54 9.28
C LEU B 61 -2.55 16.18 10.74
N ASP B 62 -3.02 17.12 11.54
CA ASP B 62 -3.35 16.77 12.92
C ASP B 62 -4.85 16.88 13.15
N PHE B 63 -5.35 16.01 14.02
CA PHE B 63 -6.76 16.03 14.39
C PHE B 63 -6.80 15.90 15.91
N PRO B 64 -6.68 17.03 16.61
CA PRO B 64 -6.55 17.04 18.07
C PRO B 64 -7.83 16.54 18.73
N ALA B 65 -8.95 16.78 18.08
CA ALA B 65 -10.25 16.28 18.54
C ALA B 65 -10.19 14.79 18.80
N MET B 66 -9.54 14.06 17.89
CA MET B 66 -9.44 12.61 18.00
C MET B 66 -8.03 12.11 18.28
N LYS B 67 -7.14 13.02 18.62
CA LYS B 67 -5.81 12.66 19.11
C LYS B 67 -4.98 11.79 18.16
N PHE B 68 -4.81 12.25 16.93
CA PHE B 68 -3.91 11.59 16.00
C PHE B 68 -3.39 12.49 14.90
N SER B 69 -2.25 12.10 14.32
CA SER B 69 -1.71 12.80 13.15
C SER B 69 -1.62 11.82 11.97
N LEU B 70 -1.77 12.35 10.76
CA LEU B 70 -1.53 11.60 9.54
C LEU B 70 -0.32 12.18 8.81
N TYR B 71 0.64 11.33 8.44
CA TYR B 71 1.81 11.78 7.70
C TYR B 71 1.80 11.16 6.30
N PHE B 72 2.00 11.99 5.28
CA PHE B 72 1.97 11.50 3.91
C PHE B 72 3.33 11.60 3.23
N LEU B 73 3.86 10.44 2.85
CA LEU B 73 5.18 10.38 2.23
C LEU B 73 5.08 9.76 0.86
N ALA B 74 5.95 10.20 -0.04
CA ALA B 74 6.02 9.63 -1.36
C ALA B 74 7.41 9.85 -1.96
N TYR B 75 7.70 9.17 -3.06
CA TYR B 75 8.89 9.45 -3.83
C TYR B 75 8.53 10.60 -4.74
N GLU B 76 8.66 11.81 -4.19
CA GLU B 76 8.40 13.07 -4.89
C GLU B 76 9.48 14.09 -4.55
N ASP B 77 9.75 15.00 -5.49
CA ASP B 77 10.63 16.15 -5.26
C ASP B 77 9.92 17.15 -4.36
N LYS B 78 10.54 17.53 -3.25
CA LYS B 78 9.88 18.46 -2.33
C LYS B 78 9.71 19.86 -2.92
N ASN B 79 10.46 20.16 -3.99
CA ASN B 79 10.31 21.47 -4.65
C ASN B 79 9.04 21.50 -5.48
N ASP B 80 8.37 20.35 -5.58
CA ASP B 80 7.11 20.27 -6.33
C ASP B 80 5.92 20.39 -5.40
N ILE B 81 6.18 20.55 -4.11
CA ILE B 81 5.11 20.62 -3.11
C ILE B 81 4.63 22.04 -2.98
N PRO B 82 3.32 22.26 -3.20
CA PRO B 82 2.73 23.60 -3.12
C PRO B 82 2.86 24.20 -1.72
N LYS B 83 3.09 25.50 -1.64
CA LYS B 83 3.26 26.17 -0.35
C LYS B 83 1.94 26.37 0.39
N ASP B 84 0.95 26.97 -0.27
CA ASP B 84 -0.32 27.22 0.42
C ASP B 84 -1.11 25.94 0.69
N LYS B 85 -1.76 25.90 1.84
CA LYS B 85 -2.33 24.69 2.40
C LYS B 85 -3.33 23.98 1.48
N SER B 86 -4.28 24.72 0.94
CA SER B 86 -5.30 24.14 0.09
C SER B 86 -4.66 23.43 -1.10
N GLU B 87 -3.74 24.12 -1.76
CA GLU B 87 -3.16 23.63 -2.99
C GLU B 87 -2.25 22.44 -2.71
N LYS B 88 -1.63 22.46 -1.53
CA LYS B 88 -0.75 21.39 -1.08
C LYS B 88 -1.57 20.15 -0.77
N THR B 89 -2.71 20.33 -0.13
CA THR B 89 -3.56 19.21 0.16
C THR B 89 -4.02 18.55 -1.13
N ALA B 90 -4.54 19.34 -2.06
CA ALA B 90 -5.07 18.75 -3.30
C ALA B 90 -4.01 17.97 -4.08
N TRP B 91 -2.76 18.44 -4.01
CA TRP B 91 -1.65 17.80 -4.73
C TRP B 91 -1.21 16.48 -4.07
N THR B 92 -0.95 16.53 -2.77
CA THR B 92 -0.65 15.36 -1.95
C THR B 92 -1.62 14.21 -2.20
N PHE B 93 -2.91 14.51 -2.11
CA PHE B 93 -3.92 13.47 -2.25
C PHE B 93 -4.16 13.06 -3.69
N SER B 94 -3.39 13.64 -4.61
CA SER B 94 -3.49 13.22 -6.01
C SER B 94 -2.21 12.59 -6.52
N ARG B 95 -1.21 12.46 -5.65
CA ARG B 95 0.01 11.70 -6.00
C ARG B 95 -0.25 10.19 -5.96
N LYS B 96 0.26 9.44 -6.93
CA LYS B 96 0.17 7.97 -6.90
C LYS B 96 1.18 7.44 -5.89
N ALA B 97 0.88 6.29 -5.31
CA ALA B 97 1.81 5.54 -4.47
C ALA B 97 2.36 6.32 -3.28
N THR B 98 1.46 6.78 -2.42
CA THR B 98 1.85 7.43 -1.17
C THR B 98 1.68 6.49 0.02
N LEU B 99 2.31 6.87 1.13
CA LEU B 99 2.21 6.15 2.39
C LEU B 99 1.60 7.08 3.41
N GLU B 100 0.49 6.66 4.00
CA GLU B 100 -0.10 7.39 5.10
C GLU B 100 0.20 6.68 6.42
N LEU B 101 0.98 7.34 7.27
CA LEU B 101 1.37 6.77 8.55
C LEU B 101 0.51 7.43 9.63
N THR B 102 -0.20 6.62 10.40
CA THR B 102 -1.14 7.09 11.37
C THR B 102 -0.59 6.95 12.77
N HIS B 103 -0.40 8.08 13.44
CA HIS B 103 0.15 8.08 14.79
C HIS B 103 -0.95 8.46 15.76
N ASN B 104 -1.36 7.50 16.58
CA ASN B 104 -2.30 7.77 17.67
C ASN B 104 -1.50 8.28 18.87
N TRP B 105 -1.73 9.55 19.22
CA TRP B 105 -0.98 10.22 20.28
C TRP B 105 -0.93 9.39 21.56
N GLY B 106 0.26 9.25 22.14
CA GLY B 106 0.41 8.44 23.33
C GLY B 106 1.28 7.21 23.15
N THR B 107 0.98 6.42 22.11
CA THR B 107 1.63 5.13 21.90
C THR B 107 3.16 5.14 22.04
N GLU B 108 3.81 6.23 21.62
CA GLU B 108 5.28 6.27 21.66
C GLU B 108 5.82 6.24 23.09
N ASP B 109 4.97 6.57 24.07
CA ASP B 109 5.35 6.53 25.50
C ASP B 109 4.87 5.26 26.23
N ASP B 110 4.17 4.37 25.53
CA ASP B 110 3.56 3.19 26.14
C ASP B 110 4.36 1.92 25.83
N GLU B 111 5.00 1.40 26.85
CA GLU B 111 5.96 0.31 26.72
C GLU B 111 5.29 -0.99 26.32
N THR B 112 4.01 -1.11 26.67
CA THR B 112 3.26 -2.33 26.45
C THR B 112 2.55 -2.33 25.10
N GLN B 113 2.80 -1.31 24.29
CA GLN B 113 2.07 -1.13 23.03
C GLN B 113 2.92 -1.50 21.82
N SER B 114 2.34 -2.25 20.89
CA SER B 114 2.97 -2.47 19.60
C SER B 114 1.91 -2.84 18.57
N TYR B 115 2.12 -2.45 17.32
CA TYR B 115 1.21 -2.82 16.25
C TYR B 115 1.58 -4.17 15.68
N HIS B 116 0.65 -4.73 14.92
CA HIS B 116 0.79 -6.06 14.37
C HIS B 116 1.05 -5.92 12.88
N ASN B 117 2.08 -6.60 12.40
CA ASN B 117 2.55 -6.39 11.05
C ASN B 117 1.88 -7.28 10.00
N GLY B 118 0.94 -8.11 10.42
CA GLY B 118 0.14 -8.92 9.49
C GLY B 118 0.82 -10.21 9.04
N ASN B 119 2.07 -10.41 9.46
CA ASN B 119 2.83 -11.57 9.03
C ASN B 119 2.91 -12.71 10.05
N SER B 120 2.16 -12.58 11.15
CA SER B 120 1.87 -13.73 11.99
C SER B 120 0.39 -13.71 12.36
N ASP B 121 -0.10 -14.85 12.86
CA ASP B 121 -1.52 -15.02 13.17
C ASP B 121 -2.03 -13.92 14.06
N PRO B 122 -3.11 -13.23 13.65
CA PRO B 122 -3.86 -13.45 12.41
C PRO B 122 -3.23 -12.70 11.20
N ARG B 123 -2.99 -13.40 10.08
CA ARG B 123 -2.36 -12.79 8.92
C ARG B 123 -3.33 -12.00 8.01
N GLY B 124 -2.79 -11.04 7.25
CA GLY B 124 -3.55 -10.26 6.30
C GLY B 124 -2.62 -9.46 5.40
N PHE B 125 -2.49 -8.17 5.69
CA PHE B 125 -1.49 -7.31 5.06
C PHE B 125 -0.16 -8.01 5.18
N GLY B 126 0.67 -7.90 4.14
CA GLY B 126 1.97 -8.51 4.16
C GLY B 126 3.12 -7.51 4.17
N HIS B 127 3.13 -6.60 3.19
CA HIS B 127 4.24 -5.66 3.06
C HIS B 127 4.00 -4.61 2.01
N ILE B 128 4.85 -3.60 2.03
CA ILE B 128 4.98 -2.69 0.89
C ILE B 128 6.29 -3.12 0.25
N GLY B 129 6.49 -2.74 -1.01
CA GLY B 129 7.68 -3.16 -1.72
C GLY B 129 8.32 -2.03 -2.49
N ILE B 130 9.65 -1.95 -2.45
CA ILE B 130 10.41 -0.89 -3.09
C ILE B 130 11.15 -1.48 -4.28
N ALA B 131 10.96 -0.88 -5.45
CA ALA B 131 11.76 -1.26 -6.61
C ALA B 131 13.03 -0.43 -6.62
N VAL B 132 14.18 -1.08 -6.68
CA VAL B 132 15.47 -0.40 -6.64
C VAL B 132 16.39 -0.86 -7.77
N PRO B 133 17.43 -0.06 -8.08
CA PRO B 133 18.34 -0.44 -9.16
C PRO B 133 19.25 -1.59 -8.80
N ASP B 134 19.64 -1.70 -7.54
CA ASP B 134 20.58 -2.73 -7.14
C ASP B 134 20.28 -3.18 -5.72
N VAL B 135 19.75 -4.37 -5.60
CA VAL B 135 19.29 -4.85 -4.32
C VAL B 135 20.45 -5.02 -3.35
N TYR B 136 21.59 -5.49 -3.85
CA TYR B 136 22.76 -5.70 -2.98
C TYR B 136 23.38 -4.41 -2.49
N SER B 137 23.53 -3.40 -3.35
CA SER B 137 24.08 -2.14 -2.85
C SER B 137 23.06 -1.47 -1.92
N ALA B 138 21.78 -1.63 -2.23
CA ALA B 138 20.76 -1.04 -1.40
C ALA B 138 20.78 -1.66 0.00
N CYS B 139 20.89 -2.98 0.06
CA CYS B 139 20.88 -3.66 1.37
C CYS B 139 22.19 -3.49 2.13
N LYS B 140 23.28 -3.31 1.40
CA LYS B 140 24.56 -3.08 2.04
C LYS B 140 24.49 -1.79 2.83
N ARG B 141 23.85 -0.80 2.22
CA ARG B 141 23.71 0.51 2.86
C ARG B 141 22.75 0.40 4.04
N PHE B 142 21.62 -0.26 3.84
CA PHE B 142 20.66 -0.52 4.93
C PHE B 142 21.37 -1.15 6.13
N GLU B 143 22.17 -2.18 5.88
CA GLU B 143 22.96 -2.86 6.93
C GLU B 143 23.83 -1.89 7.69
N GLU B 144 24.61 -1.12 6.93
CA GLU B 144 25.46 -0.07 7.47
C GLU B 144 24.66 0.87 8.39
N LEU B 145 23.44 1.20 7.98
CA LEU B 145 22.61 2.17 8.68
C LEU B 145 21.85 1.63 9.88
N GLY B 146 21.92 0.33 10.14
CA GLY B 146 21.31 -0.23 11.33
C GLY B 146 19.94 -0.81 11.09
N VAL B 147 19.51 -0.79 9.83
CA VAL B 147 18.23 -1.37 9.43
C VAL B 147 18.16 -2.87 9.78
N LYS B 148 17.02 -3.31 10.33
CA LYS B 148 16.79 -4.72 10.65
C LYS B 148 16.24 -5.50 9.46
N PHE B 149 16.70 -6.74 9.29
CA PHE B 149 16.34 -7.55 8.15
C PHE B 149 15.46 -8.73 8.52
N VAL B 150 14.59 -9.13 7.60
CA VAL B 150 13.81 -10.35 7.72
C VAL B 150 14.45 -11.41 6.84
N LYS B 151 14.77 -11.01 5.61
CA LYS B 151 15.43 -11.89 4.65
C LYS B 151 16.56 -11.09 3.98
N LYS B 152 17.80 -11.49 4.24
CA LYS B 152 18.92 -10.85 3.59
C LYS B 152 18.88 -11.22 2.09
N PRO B 153 19.38 -10.32 1.23
CA PRO B 153 19.21 -10.50 -0.23
C PRO B 153 19.71 -11.84 -0.78
N ASP B 154 20.66 -12.45 -0.04
CA ASP B 154 21.43 -13.57 -0.51
C ASP B 154 21.08 -14.87 0.20
N ASP B 155 20.13 -14.79 1.13
CA ASP B 155 19.60 -15.96 1.85
C ASP B 155 18.53 -16.65 1.01
N GLY B 156 18.54 -17.96 1.04
CA GLY B 156 17.43 -18.72 0.50
C GLY B 156 17.48 -18.98 -1.00
N LYS B 157 16.41 -19.57 -1.52
CA LYS B 157 16.31 -19.92 -2.92
C LYS B 157 16.20 -18.70 -3.79
N MET B 158 15.49 -17.67 -3.33
CA MET B 158 15.32 -16.46 -4.14
C MET B 158 16.32 -15.41 -3.74
N LYS B 159 17.54 -15.54 -4.26
CA LYS B 159 18.60 -14.60 -3.98
C LYS B 159 18.39 -13.38 -4.87
N GLY B 160 18.69 -12.21 -4.34
CA GLY B 160 18.62 -10.99 -5.10
C GLY B 160 17.37 -10.25 -4.73
N LEU B 161 16.66 -10.75 -3.73
CA LEU B 161 15.43 -10.16 -3.25
C LEU B 161 15.46 -10.15 -1.73
N ALA B 162 15.08 -9.04 -1.09
CA ALA B 162 15.19 -8.93 0.35
C ALA B 162 13.93 -8.40 1.00
N PHE B 163 13.85 -8.54 2.33
CA PHE B 163 12.79 -7.97 3.14
C PHE B 163 13.46 -7.34 4.34
N ILE B 164 13.21 -6.06 4.55
CA ILE B 164 13.64 -5.40 5.79
C ILE B 164 12.41 -5.03 6.61
N GLN B 165 12.63 -4.45 7.78
CA GLN B 165 11.55 -4.03 8.68
C GLN B 165 11.63 -2.52 8.89
N ASP B 166 10.50 -1.85 9.00
CA ASP B 166 10.50 -0.43 9.39
C ASP B 166 10.54 -0.38 10.91
N PRO B 167 10.51 0.81 11.53
CA PRO B 167 10.58 0.85 13.01
C PRO B 167 9.41 0.20 13.78
N ASP B 168 8.32 -0.15 13.09
CA ASP B 168 7.20 -0.83 13.71
C ASP B 168 7.18 -2.32 13.43
N GLY B 169 8.15 -2.81 12.67
CA GLY B 169 8.16 -4.22 12.29
C GLY B 169 7.40 -4.57 11.01
N TYR B 170 6.84 -3.58 10.31
CA TYR B 170 6.19 -3.86 9.04
C TYR B 170 7.26 -4.28 8.02
N TRP B 171 6.95 -5.28 7.21
CA TRP B 171 7.90 -5.76 6.23
C TRP B 171 7.95 -4.87 5.00
N ILE B 172 9.16 -4.67 4.49
CA ILE B 172 9.32 -3.91 3.25
C ILE B 172 10.15 -4.74 2.28
N GLU B 173 9.57 -5.10 1.15
CA GLU B 173 10.30 -5.88 0.14
C GLU B 173 11.22 -4.98 -0.65
N ILE B 174 12.39 -5.51 -0.98
CA ILE B 174 13.37 -4.77 -1.76
C ILE B 174 13.69 -5.60 -2.99
N LEU B 175 13.30 -5.10 -4.16
CA LEU B 175 13.37 -5.88 -5.37
C LEU B 175 13.97 -5.09 -6.52
N ASN B 176 14.56 -5.84 -7.45
CA ASN B 176 15.04 -5.29 -8.70
C ASN B 176 14.18 -5.86 -9.81
N PRO B 177 13.38 -5.02 -10.47
CA PRO B 177 12.46 -5.45 -11.53
C PRO B 177 13.16 -6.21 -12.65
N ASN B 178 14.42 -5.87 -12.96
CA ASN B 178 15.12 -6.47 -14.11
C ASN B 178 15.76 -7.79 -13.78
N LYS B 179 15.65 -8.20 -12.52
CA LYS B 179 16.24 -9.44 -12.07
C LYS B 179 15.20 -10.38 -11.49
N ILE B 180 13.93 -9.97 -11.48
CA ILE B 180 12.88 -10.82 -10.91
C ILE B 180 12.63 -12.10 -11.71
N ALA B 181 12.41 -11.95 -13.01
CA ALA B 181 12.07 -13.08 -13.90
C ALA B 181 13.16 -14.13 -13.82
N THR B 182 14.40 -13.67 -13.74
CA THR B 182 15.56 -14.51 -13.54
C THR B 182 15.47 -15.28 -12.22
N ILE B 183 15.07 -14.56 -11.17
CA ILE B 183 15.06 -15.11 -9.81
C ILE B 183 14.10 -16.29 -9.69
N ILE B 184 12.87 -16.14 -10.20
CA ILE B 184 11.94 -17.26 -10.33
C ILE B 184 12.57 -18.43 -11.08
ZN ZN C . -6.46 6.95 4.50
ZN ZN D . 5.67 -8.67 -2.69
C IMN E . 9.71 -16.87 -2.17
C1 IMN E . 10.55 -17.82 -1.55
C2 IMN E . 10.60 -19.10 -2.08
C3 IMN E . 9.83 -19.43 -3.18
C4 IMN E . 9.00 -18.49 -3.77
C5 IMN E . 8.93 -17.20 -3.26
C6 IMN E . 9.10 -21.00 -4.83
C7 IMN E . 11.21 -17.16 -0.46
C8 IMN E . 10.81 -15.87 -0.43
C9 IMN E . 9.16 -14.44 -1.71
C10 IMN E . 8.99 -13.96 -3.11
C11 IMN E . 7.89 -13.17 -3.42
C12 IMN E . 7.68 -12.71 -4.71
C13 IMN E . 8.57 -13.05 -5.70
C14 IMN E . 9.69 -13.81 -5.42
C15 IMN E . 9.90 -14.26 -4.13
C16 IMN E . 11.25 -14.79 0.49
C17 IMN E . 12.16 -17.82 0.49
C18 IMN E . 13.40 -18.30 -0.21
N IMN E . 9.88 -15.65 -1.46
O IMN E . 9.91 -20.70 -3.68
O1 IMN E . 8.68 -13.80 -0.78
O2 IMN E . 13.89 -19.40 -0.08
O3 IMN E . 13.90 -17.42 -1.02
CL IMN E . 8.26 -12.56 -7.35
#